data_340D
# 
_entry.id   340D 
# 
_audit_conform.dict_name       mmcif_pdbx.dic 
_audit_conform.dict_version    5.387 
_audit_conform.dict_location   http://mmcif.pdb.org/dictionaries/ascii/mmcif_pdbx.dic 
# 
loop_
_database_2.database_id 
_database_2.database_code 
_database_2.pdbx_database_accession 
_database_2.pdbx_DOI 
PDB   340D         pdb_0000340d 10.2210/pdb340d/pdb 
RCSB  ADHB94       ?            ?                   
WWPDB D_1000178809 ?            ?                   
# 
loop_
_pdbx_audit_revision_history.ordinal 
_pdbx_audit_revision_history.data_content_type 
_pdbx_audit_revision_history.major_revision 
_pdbx_audit_revision_history.minor_revision 
_pdbx_audit_revision_history.revision_date 
1 'Structure model' 1 0 1997-07-21 
2 'Structure model' 1 1 2008-05-22 
3 'Structure model' 1 2 2011-07-13 
4 'Structure model' 1 3 2024-02-21 
# 
_pdbx_audit_revision_details.ordinal             1 
_pdbx_audit_revision_details.revision_ordinal    1 
_pdbx_audit_revision_details.data_content_type   'Structure model' 
_pdbx_audit_revision_details.provider            repository 
_pdbx_audit_revision_details.type                'Initial release' 
_pdbx_audit_revision_details.description         ? 
_pdbx_audit_revision_details.details             ? 
# 
loop_
_pdbx_audit_revision_group.ordinal 
_pdbx_audit_revision_group.revision_ordinal 
_pdbx_audit_revision_group.data_content_type 
_pdbx_audit_revision_group.group 
1 2 'Structure model' 'Version format compliance' 
2 3 'Structure model' 'Version format compliance' 
3 4 'Structure model' 'Data collection'           
4 4 'Structure model' 'Database references'       
5 4 'Structure model' 'Derived calculations'      
# 
loop_
_pdbx_audit_revision_category.ordinal 
_pdbx_audit_revision_category.revision_ordinal 
_pdbx_audit_revision_category.data_content_type 
_pdbx_audit_revision_category.category 
1 4 'Structure model' chem_comp_atom 
2 4 'Structure model' chem_comp_bond 
3 4 'Structure model' database_2     
4 4 'Structure model' struct_conn    
# 
loop_
_pdbx_audit_revision_item.ordinal 
_pdbx_audit_revision_item.revision_ordinal 
_pdbx_audit_revision_item.data_content_type 
_pdbx_audit_revision_item.item 
1 4 'Structure model' '_database_2.pdbx_DOI'                
2 4 'Structure model' '_database_2.pdbx_database_accession' 
3 4 'Structure model' '_struct_conn.pdbx_leaving_atom_flag' 
# 
_pdbx_database_status.status_code                     REL 
_pdbx_database_status.entry_id                        340D 
_pdbx_database_status.recvd_initial_deposition_date   1997-06-26 
_pdbx_database_status.deposit_site                    NDB 
_pdbx_database_status.process_site                    NDB 
_pdbx_database_status.status_code_sf                  REL 
_pdbx_database_status.status_code_mr                  ? 
_pdbx_database_status.SG_entry                        ? 
_pdbx_database_status.pdb_format_compatible           Y 
_pdbx_database_status.status_code_cs                  ? 
_pdbx_database_status.status_code_nmr_data            ? 
_pdbx_database_status.methods_development_category    ? 
# 
loop_
_audit_author.name 
_audit_author.pdbx_ordinal 
'Mooers, B.H.M.' 1 
'Eichman, B.F.'  2 
'Ho, P.S.'       3 
# 
_citation.id                        primary 
_citation.title                     'Structural Parameters from Single-Crystal Structures for Accurate Models of A-DNA' 
_citation.journal_abbrev            'To be Published' 
_citation.journal_volume            ? 
_citation.page_first                ? 
_citation.page_last                 ? 
_citation.year                      ? 
_citation.journal_id_ASTM           ? 
_citation.country                   ? 
_citation.journal_id_ISSN           ? 
_citation.journal_id_CSD            0353 
_citation.book_publisher            ? 
_citation.pdbx_database_id_PubMed   ? 
_citation.pdbx_database_id_DOI      ? 
# 
loop_
_citation_author.citation_id 
_citation_author.name 
_citation_author.ordinal 
_citation_author.identifier_ORCID 
primary 'Mooers, B.H.M.' 1 ? 
primary 'Eichman, B.F.'  2 ? 
primary 'Ho, P.S.'       3 ? 
# 
loop_
_entity.id 
_entity.type 
_entity.src_method 
_entity.pdbx_description 
_entity.formula_weight 
_entity.pdbx_number_of_molecules 
_entity.pdbx_ec 
_entity.pdbx_mutation 
_entity.pdbx_fragment 
_entity.details 
1 polymer syn 
;DNA (5'-D(*GP*(5CM)P*GP*(5CM)P*GP*CP*GP*C)-3')
;
2456.647 1  ? ? ? ? 
2 water   nat water                                            18.015   19 ? ? ? ? 
# 
_entity_poly.entity_id                      1 
_entity_poly.type                           polydeoxyribonucleotide 
_entity_poly.nstd_linkage                   no 
_entity_poly.nstd_monomer                   yes 
_entity_poly.pdbx_seq_one_letter_code       '(DG)(5CM)(DG)(5CM)(DG)(DC)(DG)(DC)' 
_entity_poly.pdbx_seq_one_letter_code_can   GCGCGCGC 
_entity_poly.pdbx_strand_id                 A 
_entity_poly.pdbx_target_identifier         ? 
# 
_pdbx_entity_nonpoly.entity_id   2 
_pdbx_entity_nonpoly.name        water 
_pdbx_entity_nonpoly.comp_id     HOH 
# 
loop_
_entity_poly_seq.entity_id 
_entity_poly_seq.num 
_entity_poly_seq.mon_id 
_entity_poly_seq.hetero 
1 1 DG  n 
1 2 5CM n 
1 3 DG  n 
1 4 5CM n 
1 5 DG  n 
1 6 DC  n 
1 7 DG  n 
1 8 DC  n 
# 
loop_
_chem_comp.id 
_chem_comp.type 
_chem_comp.mon_nstd_flag 
_chem_comp.name 
_chem_comp.pdbx_synonyms 
_chem_comp.formula 
_chem_comp.formula_weight 
5CM 'DNA linking' n "5-METHYL-2'-DEOXY-CYTIDINE-5'-MONOPHOSPHATE" ? 'C10 H16 N3 O7 P' 321.224 
DC  'DNA linking' y "2'-DEOXYCYTIDINE-5'-MONOPHOSPHATE"           ? 'C9 H14 N3 O7 P'  307.197 
DG  'DNA linking' y "2'-DEOXYGUANOSINE-5'-MONOPHOSPHATE"          ? 'C10 H14 N5 O7 P' 347.221 
HOH non-polymer   . WATER                                         ? 'H2 O'            18.015  
# 
loop_
_pdbx_poly_seq_scheme.asym_id 
_pdbx_poly_seq_scheme.entity_id 
_pdbx_poly_seq_scheme.seq_id 
_pdbx_poly_seq_scheme.mon_id 
_pdbx_poly_seq_scheme.ndb_seq_num 
_pdbx_poly_seq_scheme.pdb_seq_num 
_pdbx_poly_seq_scheme.auth_seq_num 
_pdbx_poly_seq_scheme.pdb_mon_id 
_pdbx_poly_seq_scheme.auth_mon_id 
_pdbx_poly_seq_scheme.pdb_strand_id 
_pdbx_poly_seq_scheme.pdb_ins_code 
_pdbx_poly_seq_scheme.hetero 
A 1 1 DG  1 1 1 DG  G  A . n 
A 1 2 5CM 2 2 2 5CM +C A . n 
A 1 3 DG  3 3 3 DG  G  A . n 
A 1 4 5CM 4 4 4 5CM +C A . n 
A 1 5 DG  5 5 5 DG  G  A . n 
A 1 6 DC  6 6 6 DC  C  A . n 
A 1 7 DG  7 7 7 DG  G  A . n 
A 1 8 DC  8 8 8 DC  C  A . n 
# 
loop_
_pdbx_nonpoly_scheme.asym_id 
_pdbx_nonpoly_scheme.entity_id 
_pdbx_nonpoly_scheme.mon_id 
_pdbx_nonpoly_scheme.ndb_seq_num 
_pdbx_nonpoly_scheme.pdb_seq_num 
_pdbx_nonpoly_scheme.auth_seq_num 
_pdbx_nonpoly_scheme.pdb_mon_id 
_pdbx_nonpoly_scheme.auth_mon_id 
_pdbx_nonpoly_scheme.pdb_strand_id 
_pdbx_nonpoly_scheme.pdb_ins_code 
B 2 HOH 1  9  9  HOH HOH A . 
B 2 HOH 2  10 10 HOH HOH A . 
B 2 HOH 3  11 11 HOH HOH A . 
B 2 HOH 4  12 12 HOH HOH A . 
B 2 HOH 5  13 13 HOH HOH A . 
B 2 HOH 6  14 14 HOH HOH A . 
B 2 HOH 7  15 15 HOH HOH A . 
B 2 HOH 8  16 16 HOH HOH A . 
B 2 HOH 9  17 17 HOH HOH A . 
B 2 HOH 10 18 18 HOH HOH A . 
B 2 HOH 11 19 19 HOH HOH A . 
B 2 HOH 12 20 20 HOH HOH A . 
B 2 HOH 13 21 21 HOH HOH A . 
B 2 HOH 14 22 22 HOH HOH A . 
B 2 HOH 15 23 23 HOH HOH A . 
B 2 HOH 16 24 24 HOH HOH A . 
B 2 HOH 17 25 25 HOH HOH A . 
B 2 HOH 18 26 26 HOH HOH A . 
B 2 HOH 19 27 27 HOH HOH A . 
# 
loop_
_software.name 
_software.classification 
_software.version 
_software.citation_id 
_software.pdbx_ordinal 
XTALVIEW refinement       .   ? 1 
X-PLOR   'model building' .   ? 2 
X-PLOR   refinement       3.1 ? 3 
SAINT    'data reduction' .   ? 4 
SAINT    'data scaling'   .   ? 5 
X-PLOR   phasing          .   ? 6 
# 
_cell.entry_id           340D 
_cell.length_a           43.180 
_cell.length_b           43.180 
_cell.length_c           25.120 
_cell.angle_alpha        90.00 
_cell.angle_beta         90.00 
_cell.angle_gamma        90.00 
_cell.Z_PDB              8 
_cell.pdbx_unique_axis   ? 
# 
_symmetry.entry_id                         340D 
_symmetry.space_group_name_H-M             'P 43 21 2' 
_symmetry.pdbx_full_space_group_name_H-M   ? 
_symmetry.cell_setting                     ? 
_symmetry.Int_Tables_number                96 
# 
_exptl.entry_id          340D 
_exptl.method            'X-RAY DIFFRACTION' 
_exptl.crystals_number   1 
# 
_exptl_crystal.id                    1 
_exptl_crystal.density_meas          ? 
_exptl_crystal.density_Matthews      3.07 
_exptl_crystal.density_percent_sol   59.91 
_exptl_crystal.description           'CRYSTALLIZED IN THE PRESENCE OF CALCIUM CHLORIDE' 
# 
_exptl_crystal_grow.crystal_id      1 
_exptl_crystal_grow.method          'VAPOR DIFFUSION' 
_exptl_crystal_grow.temp            ? 
_exptl_crystal_grow.temp_details    ? 
_exptl_crystal_grow.pH              7.00 
_exptl_crystal_grow.pdbx_details    'pH 7.00, VAPOR DIFFUSION' 
_exptl_crystal_grow.pdbx_pH_range   ? 
# 
loop_
_exptl_crystal_grow_comp.crystal_id 
_exptl_crystal_grow_comp.id 
_exptl_crystal_grow_comp.sol_id 
_exptl_crystal_grow_comp.name 
_exptl_crystal_grow_comp.volume 
_exptl_crystal_grow_comp.conc 
_exptl_crystal_grow_comp.details 
1 1 1 WATER ? ? ? 
1 2 2 CACL2 ? ? ? 
# 
_diffrn.id                     1 
_diffrn.ambient_temp           298.00 
_diffrn.ambient_temp_details   ? 
_diffrn.crystal_id             1 
# 
_diffrn_detector.diffrn_id              1 
_diffrn_detector.detector               'AREA DETECTOR' 
_diffrn_detector.type                   'SIEMENS HI-STAR' 
_diffrn_detector.pdbx_collection_date   1995-10-25 
_diffrn_detector.details                ? 
# 
_diffrn_radiation.diffrn_id                        1 
_diffrn_radiation.wavelength_id                    1 
_diffrn_radiation.pdbx_monochromatic_or_laue_m_l   M 
_diffrn_radiation.monochromator                    ? 
_diffrn_radiation.pdbx_diffrn_protocol             ? 
_diffrn_radiation.pdbx_scattering_type             x-ray 
# 
_diffrn_radiation_wavelength.id           1 
_diffrn_radiation_wavelength.wavelength   . 
_diffrn_radiation_wavelength.wt           1.0 
# 
_diffrn_source.diffrn_id                   1 
_diffrn_source.source                      ? 
_diffrn_source.type                        ? 
_diffrn_source.pdbx_synchrotron_site       ? 
_diffrn_source.pdbx_synchrotron_beamline   ? 
_diffrn_source.pdbx_wavelength             ? 
_diffrn_source.pdbx_wavelength_list        ? 
# 
_reflns.entry_id                     340D 
_reflns.observed_criterion_sigma_I   ? 
_reflns.observed_criterion_sigma_F   ? 
_reflns.d_resolution_low             21.700 
_reflns.d_resolution_high            1.470 
_reflns.number_obs                   2556 
_reflns.number_all                   ? 
_reflns.percent_possible_obs         65.970 
_reflns.pdbx_Rmerge_I_obs            0.034 
_reflns.pdbx_Rsym_value              ? 
_reflns.pdbx_netI_over_sigmaI        ? 
_reflns.B_iso_Wilson_estimate        ? 
_reflns.pdbx_redundancy              2.500 
_reflns.pdbx_diffrn_id               1 
_reflns.pdbx_ordinal                 1 
# 
_refine.entry_id                                 340D 
_refine.ls_number_reflns_obs                     2667 
_refine.ls_number_reflns_all                     ? 
_refine.pdbx_ls_sigma_I                          ? 
_refine.pdbx_ls_sigma_F                          3.000 
_refine.pdbx_data_cutoff_high_absF               ? 
_refine.pdbx_data_cutoff_low_absF                ? 
_refine.pdbx_data_cutoff_high_rms_absF           ? 
_refine.ls_d_res_low                             8.000 
_refine.ls_d_res_high                            1.600 
_refine.ls_percent_reflns_obs                    ? 
_refine.ls_R_factor_obs                          0.205 
_refine.ls_R_factor_all                          ? 
_refine.ls_R_factor_R_work                       0.205 
_refine.ls_R_factor_R_free                       ? 
_refine.ls_R_factor_R_free_error                 ? 
_refine.ls_R_factor_R_free_error_details         ? 
_refine.ls_percent_reflns_R_free                 ? 
_refine.ls_number_reflns_R_free                  ? 
_refine.ls_number_parameters                     ? 
_refine.ls_number_restraints                     ? 
_refine.occupancy_min                            ? 
_refine.occupancy_max                            ? 
_refine.B_iso_mean                               26.07 
_refine.aniso_B[1][1]                            ? 
_refine.aniso_B[2][2]                            ? 
_refine.aniso_B[3][3]                            ? 
_refine.aniso_B[1][2]                            ? 
_refine.aniso_B[1][3]                            ? 
_refine.aniso_B[2][3]                            ? 
_refine.solvent_model_details                    ? 
_refine.solvent_model_param_ksol                 ? 
_refine.solvent_model_param_bsol                 ? 
_refine.pdbx_ls_cross_valid_method               ? 
_refine.details                                  ? 
_refine.pdbx_starting_model                      ? 
_refine.pdbx_method_to_determine_struct          'MOLECULAR REPLACEMENT' 
_refine.pdbx_isotropic_thermal_model             ? 
_refine.pdbx_stereochemistry_target_values       ? 
_refine.pdbx_stereochem_target_val_spec_case     ? 
_refine.pdbx_R_Free_selection_details            ? 
_refine.pdbx_overall_ESU_R                       ? 
_refine.pdbx_overall_ESU_R_Free                  ? 
_refine.overall_SU_ML                            ? 
_refine.overall_SU_B                             ? 
_refine.pdbx_refine_id                           'X-RAY DIFFRACTION' 
_refine.pdbx_diffrn_id                           1 
_refine.pdbx_TLS_residual_ADP_flag               ? 
_refine.correlation_coeff_Fo_to_Fc               ? 
_refine.correlation_coeff_Fo_to_Fc_free          ? 
_refine.pdbx_solvent_vdw_probe_radii             ? 
_refine.pdbx_solvent_ion_probe_radii             ? 
_refine.pdbx_solvent_shrinkage_radii             ? 
_refine.pdbx_overall_phase_error                 ? 
_refine.overall_SU_R_Cruickshank_DPI             ? 
_refine.pdbx_overall_SU_R_free_Cruickshank_DPI   ? 
_refine.pdbx_overall_SU_R_Blow_DPI               ? 
_refine.pdbx_overall_SU_R_free_Blow_DPI          ? 
# 
_refine_hist.pdbx_refine_id                   'X-RAY DIFFRACTION' 
_refine_hist.cycle_id                         LAST 
_refine_hist.pdbx_number_atoms_protein        0 
_refine_hist.pdbx_number_atoms_nucleic_acid   161 
_refine_hist.pdbx_number_atoms_ligand         2 
_refine_hist.number_atoms_solvent             19 
_refine_hist.number_atoms_total               182 
_refine_hist.d_res_high                       1.600 
_refine_hist.d_res_low                        8.000 
# 
loop_
_refine_ls_restr.type 
_refine_ls_restr.dev_ideal 
_refine_ls_restr.dev_ideal_target 
_refine_ls_restr.weight 
_refine_ls_restr.number 
_refine_ls_restr.pdbx_refine_id 
_refine_ls_restr.pdbx_restraint_function 
x_bond_d                0.008 ? ? ? 'X-RAY DIFFRACTION' ? 
x_bond_d_na             ?     ? ? ? 'X-RAY DIFFRACTION' ? 
x_bond_d_prot           ?     ? ? ? 'X-RAY DIFFRACTION' ? 
x_angle_d               ?     ? ? ? 'X-RAY DIFFRACTION' ? 
x_angle_d_na            ?     ? ? ? 'X-RAY DIFFRACTION' ? 
x_angle_d_prot          ?     ? ? ? 'X-RAY DIFFRACTION' ? 
x_angle_deg             1.45  ? ? ? 'X-RAY DIFFRACTION' ? 
x_angle_deg_na          ?     ? ? ? 'X-RAY DIFFRACTION' ? 
x_angle_deg_prot        ?     ? ? ? 'X-RAY DIFFRACTION' ? 
x_dihedral_angle_d      ?     ? ? ? 'X-RAY DIFFRACTION' ? 
x_dihedral_angle_d_na   ?     ? ? ? 'X-RAY DIFFRACTION' ? 
x_dihedral_angle_d_prot ?     ? ? ? 'X-RAY DIFFRACTION' ? 
x_improper_angle_d      ?     ? ? ? 'X-RAY DIFFRACTION' ? 
x_improper_angle_d_na   ?     ? ? ? 'X-RAY DIFFRACTION' ? 
x_improper_angle_d_prot ?     ? ? ? 'X-RAY DIFFRACTION' ? 
x_mcbond_it             ?     ? ? ? 'X-RAY DIFFRACTION' ? 
x_mcangle_it            ?     ? ? ? 'X-RAY DIFFRACTION' ? 
x_scbond_it             ?     ? ? ? 'X-RAY DIFFRACTION' ? 
x_scangle_it            ?     ? ? ? 'X-RAY DIFFRACTION' ? 
# 
_pdbx_xplor_file.serial_no        1 
_pdbx_xplor_file.param_file       GMGMCA.PAR 
_pdbx_xplor_file.topol_file       TOP.DNA 
_pdbx_xplor_file.pdbx_refine_id   'X-RAY DIFFRACTION' 
# 
_struct.entry_id                  340D 
_struct.title                     'STRUCTURAL PARAMETERS FROM SINGLE-CRYSTAL STRUCTURES FOR ACCURATE MODELS OF A-DNA' 
_struct.pdbx_model_details        ? 
_struct.pdbx_CASP_flag            ? 
_struct.pdbx_model_type_details   ? 
# 
_struct_keywords.entry_id        340D 
_struct_keywords.pdbx_keywords   DNA 
_struct_keywords.text            'A-DNA, DOUBLE HELIX, MODIFIED, DNA' 
# 
loop_
_struct_asym.id 
_struct_asym.pdbx_blank_PDB_chainid_flag 
_struct_asym.pdbx_modified 
_struct_asym.entity_id 
_struct_asym.details 
A N N 1 ? 
B N N 2 ? 
# 
_struct_ref.id                         1 
_struct_ref.entity_id                  1 
_struct_ref.db_name                    PDB 
_struct_ref.db_code                    340D 
_struct_ref.pdbx_db_accession          340D 
_struct_ref.pdbx_db_isoform            ? 
_struct_ref.pdbx_seq_one_letter_code   ? 
_struct_ref.pdbx_align_begin           ? 
# 
_struct_ref_seq.align_id                      1 
_struct_ref_seq.ref_id                        1 
_struct_ref_seq.pdbx_PDB_id_code              340D 
_struct_ref_seq.pdbx_strand_id                A 
_struct_ref_seq.seq_align_beg                 1 
_struct_ref_seq.pdbx_seq_align_beg_ins_code   ? 
_struct_ref_seq.seq_align_end                 8 
_struct_ref_seq.pdbx_seq_align_end_ins_code   ? 
_struct_ref_seq.pdbx_db_accession             340D 
_struct_ref_seq.db_align_beg                  1 
_struct_ref_seq.pdbx_db_align_beg_ins_code    ? 
_struct_ref_seq.db_align_end                  8 
_struct_ref_seq.pdbx_db_align_end_ins_code    ? 
_struct_ref_seq.pdbx_auth_seq_align_beg       1 
_struct_ref_seq.pdbx_auth_seq_align_end       8 
# 
_pdbx_struct_assembly.id                   1 
_pdbx_struct_assembly.details              author_defined_assembly 
_pdbx_struct_assembly.method_details       ? 
_pdbx_struct_assembly.oligomeric_details   dimeric 
_pdbx_struct_assembly.oligomeric_count     2 
# 
_pdbx_struct_assembly_gen.assembly_id       1 
_pdbx_struct_assembly_gen.oper_expression   1,2 
_pdbx_struct_assembly_gen.asym_id_list      A,B 
# 
loop_
_pdbx_struct_oper_list.id 
_pdbx_struct_oper_list.type 
_pdbx_struct_oper_list.name 
_pdbx_struct_oper_list.symmetry_operation 
_pdbx_struct_oper_list.matrix[1][1] 
_pdbx_struct_oper_list.matrix[1][2] 
_pdbx_struct_oper_list.matrix[1][3] 
_pdbx_struct_oper_list.vector[1] 
_pdbx_struct_oper_list.matrix[2][1] 
_pdbx_struct_oper_list.matrix[2][2] 
_pdbx_struct_oper_list.matrix[2][3] 
_pdbx_struct_oper_list.vector[2] 
_pdbx_struct_oper_list.matrix[3][1] 
_pdbx_struct_oper_list.matrix[3][2] 
_pdbx_struct_oper_list.matrix[3][3] 
_pdbx_struct_oper_list.vector[3] 
1 'identity operation'         1_555 x,y,z    1.0000000000  0.0000000000  0.0000000000 0.0000000000  0.0000000000  1.0000000000  0.0000000000  0.0000000000  0.0000000000 0.0000000000  1.0000000000 0.0000000000 
2 'crystal symmetry operation' 7_556 y,x,-z+1 -0.9550992003 -0.0582033948 0.2905131365 -3.7118019605 -0.0582033948 -0.9245528992 -0.3765823965 -2.6154675067 0.2905131365 -0.3765823965 0.8796520995 0.0496837728 
# 
_struct_biol.id   1 
# 
loop_
_struct_conn.id 
_struct_conn.conn_type_id 
_struct_conn.pdbx_leaving_atom_flag 
_struct_conn.pdbx_PDB_id 
_struct_conn.ptnr1_label_asym_id 
_struct_conn.ptnr1_label_comp_id 
_struct_conn.ptnr1_label_seq_id 
_struct_conn.ptnr1_label_atom_id 
_struct_conn.pdbx_ptnr1_label_alt_id 
_struct_conn.pdbx_ptnr1_PDB_ins_code 
_struct_conn.pdbx_ptnr1_standard_comp_id 
_struct_conn.ptnr1_symmetry 
_struct_conn.ptnr2_label_asym_id 
_struct_conn.ptnr2_label_comp_id 
_struct_conn.ptnr2_label_seq_id 
_struct_conn.ptnr2_label_atom_id 
_struct_conn.pdbx_ptnr2_label_alt_id 
_struct_conn.pdbx_ptnr2_PDB_ins_code 
_struct_conn.ptnr1_auth_asym_id 
_struct_conn.ptnr1_auth_comp_id 
_struct_conn.ptnr1_auth_seq_id 
_struct_conn.ptnr2_auth_asym_id 
_struct_conn.ptnr2_auth_comp_id 
_struct_conn.ptnr2_auth_seq_id 
_struct_conn.ptnr2_symmetry 
_struct_conn.pdbx_ptnr3_label_atom_id 
_struct_conn.pdbx_ptnr3_label_seq_id 
_struct_conn.pdbx_ptnr3_label_comp_id 
_struct_conn.pdbx_ptnr3_label_asym_id 
_struct_conn.pdbx_ptnr3_label_alt_id 
_struct_conn.pdbx_ptnr3_PDB_ins_code 
_struct_conn.details 
_struct_conn.pdbx_dist_value 
_struct_conn.pdbx_value_order 
_struct_conn.pdbx_role 
covale1  covale both ? A DG  1 "O3'" ? ? ? 1_555 A 5CM 2 P  ? ? A DG  1 A 5CM 2 1_555 ? ? ? ? ? ? ?            1.604 ? ? 
covale2  covale both ? A 5CM 2 "O3'" ? ? ? 1_555 A DG  3 P  ? ? A 5CM 2 A DG  3 1_555 ? ? ? ? ? ? ?            1.618 ? ? 
covale3  covale both ? A DG  3 "O3'" ? ? ? 1_555 A 5CM 4 P  ? ? A DG  3 A 5CM 4 1_555 ? ? ? ? ? ? ?            1.602 ? ? 
covale4  covale both ? A 5CM 4 "O3'" ? ? ? 1_555 A DG  5 P  ? ? A 5CM 4 A DG  5 1_555 ? ? ? ? ? ? ?            1.604 ? ? 
hydrog1  hydrog ?    ? A DG  1 N1    ? ? ? 1_555 A DC  8 N3 ? ? A DG  1 A DC  8 7_556 ? ? ? ? ? ? WATSON-CRICK ?     ? ? 
hydrog2  hydrog ?    ? A DG  1 N2    ? ? ? 1_555 A DC  8 O2 ? ? A DG  1 A DC  8 7_556 ? ? ? ? ? ? WATSON-CRICK ?     ? ? 
hydrog3  hydrog ?    ? A DG  1 O6    ? ? ? 1_555 A DC  8 N4 ? ? A DG  1 A DC  8 7_556 ? ? ? ? ? ? WATSON-CRICK ?     ? ? 
hydrog4  hydrog ?    ? A 5CM 2 N3    ? ? ? 1_555 A DG  7 N1 ? ? A 5CM 2 A DG  7 7_556 ? ? ? ? ? ? WATSON-CRICK ?     ? ? 
hydrog5  hydrog ?    ? A 5CM 2 N4    ? ? ? 1_555 A DG  7 O6 ? ? A 5CM 2 A DG  7 7_556 ? ? ? ? ? ? WATSON-CRICK ?     ? ? 
hydrog6  hydrog ?    ? A 5CM 2 O2    ? ? ? 1_555 A DG  7 N2 ? ? A 5CM 2 A DG  7 7_556 ? ? ? ? ? ? WATSON-CRICK ?     ? ? 
hydrog7  hydrog ?    ? A DG  3 N1    ? ? ? 1_555 A DC  6 N3 ? ? A DG  3 A DC  6 7_556 ? ? ? ? ? ? WATSON-CRICK ?     ? ? 
hydrog8  hydrog ?    ? A DG  3 N2    ? ? ? 1_555 A DC  6 O2 ? ? A DG  3 A DC  6 7_556 ? ? ? ? ? ? WATSON-CRICK ?     ? ? 
hydrog9  hydrog ?    ? A DG  3 O6    ? ? ? 1_555 A DC  6 N4 ? ? A DG  3 A DC  6 7_556 ? ? ? ? ? ? WATSON-CRICK ?     ? ? 
hydrog10 hydrog ?    ? A 5CM 4 N3    ? ? ? 1_555 A DG  5 N1 ? ? A 5CM 4 A DG  5 7_556 ? ? ? ? ? ? WATSON-CRICK ?     ? ? 
hydrog11 hydrog ?    ? A 5CM 4 N4    ? ? ? 1_555 A DG  5 O6 ? ? A 5CM 4 A DG  5 7_556 ? ? ? ? ? ? WATSON-CRICK ?     ? ? 
hydrog12 hydrog ?    ? A 5CM 4 O2    ? ? ? 1_555 A DG  5 N2 ? ? A 5CM 4 A DG  5 7_556 ? ? ? ? ? ? WATSON-CRICK ?     ? ? 
hydrog13 hydrog ?    ? A DG  5 N1    ? ? ? 1_555 A 5CM 4 N3 ? ? A DG  5 A 5CM 4 7_556 ? ? ? ? ? ? WATSON-CRICK ?     ? ? 
hydrog14 hydrog ?    ? A DG  5 N2    ? ? ? 1_555 A 5CM 4 O2 ? ? A DG  5 A 5CM 4 7_556 ? ? ? ? ? ? WATSON-CRICK ?     ? ? 
hydrog15 hydrog ?    ? A DG  5 O6    ? ? ? 1_555 A 5CM 4 N4 ? ? A DG  5 A 5CM 4 7_556 ? ? ? ? ? ? WATSON-CRICK ?     ? ? 
hydrog16 hydrog ?    ? A DC  6 N3    ? ? ? 1_555 A DG  3 N1 ? ? A DC  6 A DG  3 7_556 ? ? ? ? ? ? WATSON-CRICK ?     ? ? 
hydrog17 hydrog ?    ? A DC  6 N4    ? ? ? 1_555 A DG  3 O6 ? ? A DC  6 A DG  3 7_556 ? ? ? ? ? ? WATSON-CRICK ?     ? ? 
hydrog18 hydrog ?    ? A DC  6 O2    ? ? ? 1_555 A DG  3 N2 ? ? A DC  6 A DG  3 7_556 ? ? ? ? ? ? WATSON-CRICK ?     ? ? 
hydrog19 hydrog ?    ? A DG  7 N1    ? ? ? 1_555 A 5CM 2 N3 ? ? A DG  7 A 5CM 2 7_556 ? ? ? ? ? ? WATSON-CRICK ?     ? ? 
hydrog20 hydrog ?    ? A DG  7 N2    ? ? ? 1_555 A 5CM 2 O2 ? ? A DG  7 A 5CM 2 7_556 ? ? ? ? ? ? WATSON-CRICK ?     ? ? 
hydrog21 hydrog ?    ? A DG  7 O6    ? ? ? 1_555 A 5CM 2 N4 ? ? A DG  7 A 5CM 2 7_556 ? ? ? ? ? ? WATSON-CRICK ?     ? ? 
hydrog22 hydrog ?    ? A DC  8 N3    ? ? ? 1_555 A DG  1 N1 ? ? A DC  8 A DG  1 7_556 ? ? ? ? ? ? WATSON-CRICK ?     ? ? 
hydrog23 hydrog ?    ? A DC  8 N4    ? ? ? 1_555 A DG  1 O6 ? ? A DC  8 A DG  1 7_556 ? ? ? ? ? ? WATSON-CRICK ?     ? ? 
hydrog24 hydrog ?    ? A DC  8 O2    ? ? ? 1_555 A DG  1 N2 ? ? A DC  8 A DG  1 7_556 ? ? ? ? ? ? WATSON-CRICK ?     ? ? 
# 
loop_
_struct_conn_type.id 
_struct_conn_type.criteria 
_struct_conn_type.reference 
covale ? ? 
hydrog ? ? 
# 
loop_
_pdbx_struct_mod_residue.id 
_pdbx_struct_mod_residue.label_asym_id 
_pdbx_struct_mod_residue.label_comp_id 
_pdbx_struct_mod_residue.label_seq_id 
_pdbx_struct_mod_residue.auth_asym_id 
_pdbx_struct_mod_residue.auth_comp_id 
_pdbx_struct_mod_residue.auth_seq_id 
_pdbx_struct_mod_residue.PDB_ins_code 
_pdbx_struct_mod_residue.parent_comp_id 
_pdbx_struct_mod_residue.details 
1 A 5CM 2 A 5CM 2 ? DC ? 
2 A 5CM 4 A 5CM 4 ? DC ? 
# 
loop_
_chem_comp_atom.comp_id 
_chem_comp_atom.atom_id 
_chem_comp_atom.type_symbol 
_chem_comp_atom.pdbx_aromatic_flag 
_chem_comp_atom.pdbx_stereo_config 
_chem_comp_atom.pdbx_ordinal 
5CM N1     N N N 1   
5CM C2     C N N 2   
5CM N3     N N N 3   
5CM C4     C N N 4   
5CM C5     C N N 5   
5CM C5A    C N N 6   
5CM C6     C N N 7   
5CM O2     O N N 8   
5CM N4     N N N 9   
5CM "C1'"  C N R 10  
5CM "C2'"  C N N 11  
5CM "C3'"  C N S 12  
5CM "C4'"  C N R 13  
5CM "O4'"  O N N 14  
5CM "O3'"  O N N 15  
5CM "C5'"  C N N 16  
5CM "O5'"  O N N 17  
5CM P      P N N 18  
5CM OP1    O N N 19  
5CM OP2    O N N 20  
5CM OP3    O N N 21  
5CM H5A1   H N N 22  
5CM H5A2   H N N 23  
5CM H5A3   H N N 24  
5CM H6     H N N 25  
5CM HN41   H N N 26  
5CM HN42   H N N 27  
5CM "H1'"  H N N 28  
5CM "H2'"  H N N 29  
5CM "H2''" H N N 30  
5CM "H3'"  H N N 31  
5CM "H4'"  H N N 32  
5CM "HO3'" H N N 33  
5CM "H5'"  H N N 34  
5CM "H5''" H N N 35  
5CM HOP2   H N N 36  
5CM HOP3   H N N 37  
DC  OP3    O N N 38  
DC  P      P N N 39  
DC  OP1    O N N 40  
DC  OP2    O N N 41  
DC  "O5'"  O N N 42  
DC  "C5'"  C N N 43  
DC  "C4'"  C N R 44  
DC  "O4'"  O N N 45  
DC  "C3'"  C N S 46  
DC  "O3'"  O N N 47  
DC  "C2'"  C N N 48  
DC  "C1'"  C N R 49  
DC  N1     N N N 50  
DC  C2     C N N 51  
DC  O2     O N N 52  
DC  N3     N N N 53  
DC  C4     C N N 54  
DC  N4     N N N 55  
DC  C5     C N N 56  
DC  C6     C N N 57  
DC  HOP3   H N N 58  
DC  HOP2   H N N 59  
DC  "H5'"  H N N 60  
DC  "H5''" H N N 61  
DC  "H4'"  H N N 62  
DC  "H3'"  H N N 63  
DC  "HO3'" H N N 64  
DC  "H2'"  H N N 65  
DC  "H2''" H N N 66  
DC  "H1'"  H N N 67  
DC  H41    H N N 68  
DC  H42    H N N 69  
DC  H5     H N N 70  
DC  H6     H N N 71  
DG  OP3    O N N 72  
DG  P      P N N 73  
DG  OP1    O N N 74  
DG  OP2    O N N 75  
DG  "O5'"  O N N 76  
DG  "C5'"  C N N 77  
DG  "C4'"  C N R 78  
DG  "O4'"  O N N 79  
DG  "C3'"  C N S 80  
DG  "O3'"  O N N 81  
DG  "C2'"  C N N 82  
DG  "C1'"  C N R 83  
DG  N9     N Y N 84  
DG  C8     C Y N 85  
DG  N7     N Y N 86  
DG  C5     C Y N 87  
DG  C6     C N N 88  
DG  O6     O N N 89  
DG  N1     N N N 90  
DG  C2     C N N 91  
DG  N2     N N N 92  
DG  N3     N N N 93  
DG  C4     C Y N 94  
DG  HOP3   H N N 95  
DG  HOP2   H N N 96  
DG  "H5'"  H N N 97  
DG  "H5''" H N N 98  
DG  "H4'"  H N N 99  
DG  "H3'"  H N N 100 
DG  "HO3'" H N N 101 
DG  "H2'"  H N N 102 
DG  "H2''" H N N 103 
DG  "H1'"  H N N 104 
DG  H8     H N N 105 
DG  H1     H N N 106 
DG  H21    H N N 107 
DG  H22    H N N 108 
HOH O      O N N 109 
HOH H1     H N N 110 
HOH H2     H N N 111 
# 
loop_
_chem_comp_bond.comp_id 
_chem_comp_bond.atom_id_1 
_chem_comp_bond.atom_id_2 
_chem_comp_bond.value_order 
_chem_comp_bond.pdbx_aromatic_flag 
_chem_comp_bond.pdbx_stereo_config 
_chem_comp_bond.pdbx_ordinal 
5CM N1    C2     sing N N 1   
5CM N1    C6     sing N N 2   
5CM N1    "C1'"  sing N N 3   
5CM C2    N3     sing N N 4   
5CM C2    O2     doub N N 5   
5CM N3    C4     doub N N 6   
5CM C4    C5     sing N N 7   
5CM C4    N4     sing N N 8   
5CM C5    C5A    sing N N 9   
5CM C5    C6     doub N N 10  
5CM C5A   H5A1   sing N N 11  
5CM C5A   H5A2   sing N N 12  
5CM C5A   H5A3   sing N N 13  
5CM C6    H6     sing N N 14  
5CM N4    HN41   sing N N 15  
5CM N4    HN42   sing N N 16  
5CM "C1'" "C2'"  sing N N 17  
5CM "C1'" "O4'"  sing N N 18  
5CM "C1'" "H1'"  sing N N 19  
5CM "C2'" "C3'"  sing N N 20  
5CM "C2'" "H2'"  sing N N 21  
5CM "C2'" "H2''" sing N N 22  
5CM "C3'" "C4'"  sing N N 23  
5CM "C3'" "O3'"  sing N N 24  
5CM "C3'" "H3'"  sing N N 25  
5CM "C4'" "O4'"  sing N N 26  
5CM "C4'" "C5'"  sing N N 27  
5CM "C4'" "H4'"  sing N N 28  
5CM "O3'" "HO3'" sing N N 29  
5CM "C5'" "O5'"  sing N N 30  
5CM "C5'" "H5'"  sing N N 31  
5CM "C5'" "H5''" sing N N 32  
5CM "O5'" P      sing N N 33  
5CM P     OP1    doub N N 34  
5CM P     OP2    sing N N 35  
5CM P     OP3    sing N N 36  
5CM OP2   HOP2   sing N N 37  
5CM OP3   HOP3   sing N N 38  
DC  OP3   P      sing N N 39  
DC  OP3   HOP3   sing N N 40  
DC  P     OP1    doub N N 41  
DC  P     OP2    sing N N 42  
DC  P     "O5'"  sing N N 43  
DC  OP2   HOP2   sing N N 44  
DC  "O5'" "C5'"  sing N N 45  
DC  "C5'" "C4'"  sing N N 46  
DC  "C5'" "H5'"  sing N N 47  
DC  "C5'" "H5''" sing N N 48  
DC  "C4'" "O4'"  sing N N 49  
DC  "C4'" "C3'"  sing N N 50  
DC  "C4'" "H4'"  sing N N 51  
DC  "O4'" "C1'"  sing N N 52  
DC  "C3'" "O3'"  sing N N 53  
DC  "C3'" "C2'"  sing N N 54  
DC  "C3'" "H3'"  sing N N 55  
DC  "O3'" "HO3'" sing N N 56  
DC  "C2'" "C1'"  sing N N 57  
DC  "C2'" "H2'"  sing N N 58  
DC  "C2'" "H2''" sing N N 59  
DC  "C1'" N1     sing N N 60  
DC  "C1'" "H1'"  sing N N 61  
DC  N1    C2     sing N N 62  
DC  N1    C6     sing N N 63  
DC  C2    O2     doub N N 64  
DC  C2    N3     sing N N 65  
DC  N3    C4     doub N N 66  
DC  C4    N4     sing N N 67  
DC  C4    C5     sing N N 68  
DC  N4    H41    sing N N 69  
DC  N4    H42    sing N N 70  
DC  C5    C6     doub N N 71  
DC  C5    H5     sing N N 72  
DC  C6    H6     sing N N 73  
DG  OP3   P      sing N N 74  
DG  OP3   HOP3   sing N N 75  
DG  P     OP1    doub N N 76  
DG  P     OP2    sing N N 77  
DG  P     "O5'"  sing N N 78  
DG  OP2   HOP2   sing N N 79  
DG  "O5'" "C5'"  sing N N 80  
DG  "C5'" "C4'"  sing N N 81  
DG  "C5'" "H5'"  sing N N 82  
DG  "C5'" "H5''" sing N N 83  
DG  "C4'" "O4'"  sing N N 84  
DG  "C4'" "C3'"  sing N N 85  
DG  "C4'" "H4'"  sing N N 86  
DG  "O4'" "C1'"  sing N N 87  
DG  "C3'" "O3'"  sing N N 88  
DG  "C3'" "C2'"  sing N N 89  
DG  "C3'" "H3'"  sing N N 90  
DG  "O3'" "HO3'" sing N N 91  
DG  "C2'" "C1'"  sing N N 92  
DG  "C2'" "H2'"  sing N N 93  
DG  "C2'" "H2''" sing N N 94  
DG  "C1'" N9     sing N N 95  
DG  "C1'" "H1'"  sing N N 96  
DG  N9    C8     sing Y N 97  
DG  N9    C4     sing Y N 98  
DG  C8    N7     doub Y N 99  
DG  C8    H8     sing N N 100 
DG  N7    C5     sing Y N 101 
DG  C5    C6     sing N N 102 
DG  C5    C4     doub Y N 103 
DG  C6    O6     doub N N 104 
DG  C6    N1     sing N N 105 
DG  N1    C2     sing N N 106 
DG  N1    H1     sing N N 107 
DG  C2    N2     sing N N 108 
DG  C2    N3     doub N N 109 
DG  N2    H21    sing N N 110 
DG  N2    H22    sing N N 111 
DG  N3    C4     sing N N 112 
HOH O     H1     sing N N 113 
HOH O     H2     sing N N 114 
# 
_ndb_struct_conf_na.entry_id   340D 
_ndb_struct_conf_na.feature    'a-form double helix' 
# 
loop_
_ndb_struct_na_base_pair.model_number 
_ndb_struct_na_base_pair.i_label_asym_id 
_ndb_struct_na_base_pair.i_label_comp_id 
_ndb_struct_na_base_pair.i_label_seq_id 
_ndb_struct_na_base_pair.i_symmetry 
_ndb_struct_na_base_pair.j_label_asym_id 
_ndb_struct_na_base_pair.j_label_comp_id 
_ndb_struct_na_base_pair.j_label_seq_id 
_ndb_struct_na_base_pair.j_symmetry 
_ndb_struct_na_base_pair.shear 
_ndb_struct_na_base_pair.stretch 
_ndb_struct_na_base_pair.stagger 
_ndb_struct_na_base_pair.buckle 
_ndb_struct_na_base_pair.propeller 
_ndb_struct_na_base_pair.opening 
_ndb_struct_na_base_pair.pair_number 
_ndb_struct_na_base_pair.pair_name 
_ndb_struct_na_base_pair.i_auth_asym_id 
_ndb_struct_na_base_pair.i_auth_seq_id 
_ndb_struct_na_base_pair.i_PDB_ins_code 
_ndb_struct_na_base_pair.j_auth_asym_id 
_ndb_struct_na_base_pair.j_auth_seq_id 
_ndb_struct_na_base_pair.j_PDB_ins_code 
_ndb_struct_na_base_pair.hbond_type_28 
_ndb_struct_na_base_pair.hbond_type_12 
1 A DG  1 1_555 A DC  8 7_556 -0.455 -0.251 0.007 -3.882 -7.840  -2.436 1 A_DG1:DC8_A  A 1 ? A 8 ? 19 1 
1 A 5CM 2 1_555 A DG  7 7_556 0.318  -0.110 0.054 3.602  -10.248 2.096  2 A_5CM2:DG7_A A 2 ? A 7 ? 19 1 
1 A DG  3 1_555 A DC  6 7_556 -0.209 -0.151 0.158 -4.394 -12.563 1.089  3 A_DG3:DC6_A  A 3 ? A 6 ? 19 1 
1 A 5CM 4 1_555 A DG  5 7_556 0.316  -0.094 0.289 -4.004 -6.604  2.242  4 A_5CM4:DG5_A A 4 ? A 5 ? 19 1 
1 A DG  5 1_555 A 5CM 4 7_556 -0.316 -0.094 0.289 4.004  -6.604  2.242  5 A_DG5:5CM4_A A 5 ? A 4 ? 19 1 
1 A DC  6 1_555 A DG  3 7_556 0.209  -0.151 0.158 4.394  -12.563 1.089  6 A_DC6:DG3_A  A 6 ? A 3 ? 19 1 
1 A DG  7 1_555 A 5CM 2 7_556 -0.318 -0.110 0.054 -3.602 -10.248 2.096  7 A_DG7:5CM2_A A 7 ? A 2 ? 19 1 
1 A DC  8 1_555 A DG  1 7_556 0.455  -0.251 0.007 3.882  -7.840  -2.436 8 A_DC8:DG1_A  A 8 ? A 1 ? 19 1 
# 
loop_
_ndb_struct_na_base_pair_step.model_number 
_ndb_struct_na_base_pair_step.i_label_asym_id_1 
_ndb_struct_na_base_pair_step.i_label_comp_id_1 
_ndb_struct_na_base_pair_step.i_label_seq_id_1 
_ndb_struct_na_base_pair_step.i_symmetry_1 
_ndb_struct_na_base_pair_step.j_label_asym_id_1 
_ndb_struct_na_base_pair_step.j_label_comp_id_1 
_ndb_struct_na_base_pair_step.j_label_seq_id_1 
_ndb_struct_na_base_pair_step.j_symmetry_1 
_ndb_struct_na_base_pair_step.i_label_asym_id_2 
_ndb_struct_na_base_pair_step.i_label_comp_id_2 
_ndb_struct_na_base_pair_step.i_label_seq_id_2 
_ndb_struct_na_base_pair_step.i_symmetry_2 
_ndb_struct_na_base_pair_step.j_label_asym_id_2 
_ndb_struct_na_base_pair_step.j_label_comp_id_2 
_ndb_struct_na_base_pair_step.j_label_seq_id_2 
_ndb_struct_na_base_pair_step.j_symmetry_2 
_ndb_struct_na_base_pair_step.shift 
_ndb_struct_na_base_pair_step.slide 
_ndb_struct_na_base_pair_step.rise 
_ndb_struct_na_base_pair_step.tilt 
_ndb_struct_na_base_pair_step.roll 
_ndb_struct_na_base_pair_step.twist 
_ndb_struct_na_base_pair_step.x_displacement 
_ndb_struct_na_base_pair_step.y_displacement 
_ndb_struct_na_base_pair_step.helical_rise 
_ndb_struct_na_base_pair_step.inclination 
_ndb_struct_na_base_pair_step.tip 
_ndb_struct_na_base_pair_step.helical_twist 
_ndb_struct_na_base_pair_step.step_number 
_ndb_struct_na_base_pair_step.step_name 
_ndb_struct_na_base_pair_step.i_auth_asym_id_1 
_ndb_struct_na_base_pair_step.i_auth_seq_id_1 
_ndb_struct_na_base_pair_step.i_PDB_ins_code_1 
_ndb_struct_na_base_pair_step.j_auth_asym_id_1 
_ndb_struct_na_base_pair_step.j_auth_seq_id_1 
_ndb_struct_na_base_pair_step.j_PDB_ins_code_1 
_ndb_struct_na_base_pair_step.i_auth_asym_id_2 
_ndb_struct_na_base_pair_step.i_auth_seq_id_2 
_ndb_struct_na_base_pair_step.i_PDB_ins_code_2 
_ndb_struct_na_base_pair_step.j_auth_asym_id_2 
_ndb_struct_na_base_pair_step.j_auth_seq_id_2 
_ndb_struct_na_base_pair_step.j_PDB_ins_code_2 
1 A DG  1 1_555 A DC  8 7_556 A 5CM 2 1_555 A DG  7 7_556 0.439  -1.289 3.234 -0.054 5.743 34.268 -3.000 -0.743 2.984 9.662  0.091 
34.732 1 AA_DG15CM2:DG7DC8_AA  A 1 ? A 8 ? A 2 ? A 7 ? 
1 A 5CM 2 1_555 A DG  7 7_556 A DG  3 1_555 A DC  6 7_556 0.078  -1.671 3.487 1.016  8.942 28.658 -5.051 0.057  2.848 17.527 
-1.991 30.009 2 AA_5CM2DG3:DC6DG7_AA  A 2 ? A 7 ? A 3 ? A 6 ? 
1 A DG  3 1_555 A DC  6 7_556 A 5CM 4 1_555 A DG  5 7_556 0.126  -1.527 3.300 0.249  3.298 38.912 -2.678 -0.159 3.166 4.940  
-0.372 39.047 3 AA_DG35CM4:DG5DC6_AA  A 3 ? A 6 ? A 4 ? A 5 ? 
1 A 5CM 4 1_555 A DG  5 7_556 A DG  5 1_555 A 5CM 4 7_556 0.000  -1.998 3.079 0.000  2.376 19.679 -6.825 0.000  2.820 6.919  0.000 
19.821 4 AA_5CM4DG5:5CM4DG5_AA A 4 ? A 5 ? A 5 ? A 4 ? 
1 A DG  5 1_555 A 5CM 4 7_556 A DC  6 1_555 A DG  3 7_556 -0.126 -1.527 3.300 -0.249 3.298 38.912 -2.678 0.159  3.166 4.940  0.372 
39.047 5 AA_DG5DC6:DG35CM4_AA  A 5 ? A 4 ? A 6 ? A 3 ? 
1 A DC  6 1_555 A DG  3 7_556 A DG  7 1_555 A 5CM 2 7_556 -0.078 -1.671 3.487 -1.016 8.942 28.658 -5.051 -0.057 2.848 17.527 1.991 
30.009 6 AA_DC6DG7:5CM2DG3_AA  A 6 ? A 3 ? A 7 ? A 2 ? 
1 A DG  7 1_555 A 5CM 2 7_556 A DC  8 1_555 A DG  1 7_556 -0.439 -1.289 3.234 0.054  5.743 34.268 -3.000 0.743  2.984 9.662  
-0.091 34.732 7 AA_DG7DC8:DG15CM2_AA  A 7 ? A 2 ? A 8 ? A 1 ? 
# 
_atom_sites.entry_id                    340D 
_atom_sites.fract_transf_matrix[1][1]   0.00339112 
_atom_sites.fract_transf_matrix[1][2]   -0.01161947 
_atom_sites.fract_transf_matrix[1][3]   -0.01974405 
_atom_sites.fract_transf_matrix[2][1]   -0.00829847 
_atom_sites.fract_transf_matrix[2][2]   0.01798070 
_atom_sites.fract_transf_matrix[2][3]   -0.01200704 
_atom_sites.fract_transf_matrix[3][1]   0.03670557 
_atom_sites.fract_transf_matrix[3][2]   0.01518337 
_atom_sites.fract_transf_matrix[3][3]   -0.00263116 
_atom_sites.fract_transf_vector[1]      0.770701 
_atom_sites.fract_transf_vector[2]      0.787524 
_atom_sites.fract_transf_vector[3]      0.588044 
# 
loop_
_atom_type.symbol 
C 
N 
O 
P 
# 
loop_
_atom_site.group_PDB 
_atom_site.id 
_atom_site.type_symbol 
_atom_site.label_atom_id 
_atom_site.label_alt_id 
_atom_site.label_comp_id 
_atom_site.label_asym_id 
_atom_site.label_entity_id 
_atom_site.label_seq_id 
_atom_site.pdbx_PDB_ins_code 
_atom_site.Cartn_x 
_atom_site.Cartn_y 
_atom_site.Cartn_z 
_atom_site.occupancy 
_atom_site.B_iso_or_equiv 
_atom_site.pdbx_formal_charge 
_atom_site.auth_seq_id 
_atom_site.auth_comp_id 
_atom_site.auth_asym_id 
_atom_site.auth_atom_id 
_atom_site.pdbx_PDB_model_num 
ATOM   1   O "O5'" . DG  A 1 1 ? -10.799 4.715   -7.580  1.00 28.78 ? 1  DG  A "O5'" 1 
ATOM   2   C "C5'" . DG  A 1 1 ? -10.910 5.937   -8.345  1.00 25.77 ? 1  DG  A "C5'" 1 
ATOM   3   C "C4'" . DG  A 1 1 ? -10.654 7.244   -7.624  1.00 24.47 ? 1  DG  A "C4'" 1 
ATOM   4   O "O4'" . DG  A 1 1 ? -11.611 7.504   -6.581  1.00 23.40 ? 1  DG  A "O4'" 1 
ATOM   5   C "C3'" . DG  A 1 1 ? -9.301  7.350   -6.948  1.00 24.27 ? 1  DG  A "C3'" 1 
ATOM   6   O "O3'" . DG  A 1 1 ? -8.335  7.756   -7.917  1.00 29.68 ? 1  DG  A "O3'" 1 
ATOM   7   C "C2'" . DG  A 1 1 ? -9.560  8.465   -5.958  1.00 23.54 ? 1  DG  A "C2'" 1 
ATOM   8   C "C1'" . DG  A 1 1 ? -10.964 8.135   -5.489  1.00 21.57 ? 1  DG  A "C1'" 1 
ATOM   9   N N9    . DG  A 1 1 ? -10.987 7.210   -4.369  1.00 23.26 ? 1  DG  A N9    1 
ATOM   10  C C8    . DG  A 1 1 ? -11.263 5.868   -4.418  1.00 21.68 ? 1  DG  A C8    1 
ATOM   11  N N7    . DG  A 1 1 ? -11.233 5.294   -3.246  1.00 22.34 ? 1  DG  A N7    1 
ATOM   12  C C5    . DG  A 1 1 ? -10.902 6.319   -2.367  1.00 22.90 ? 1  DG  A C5    1 
ATOM   13  C C6    . DG  A 1 1 ? -10.696 6.310   -0.953  1.00 24.18 ? 1  DG  A C6    1 
ATOM   14  O O6    . DG  A 1 1 ? -10.750 5.356   -0.153  1.00 24.20 ? 1  DG  A O6    1 
ATOM   15  N N1    . DG  A 1 1 ? -10.374 7.575   -0.481  1.00 24.17 ? 1  DG  A N1    1 
ATOM   16  C C2    . DG  A 1 1 ? -10.236 8.691   -1.258  1.00 21.67 ? 1  DG  A C2    1 
ATOM   17  N N2    . DG  A 1 1 ? -9.889  9.802   -0.625  1.00 23.96 ? 1  DG  A N2    1 
ATOM   18  N N3    . DG  A 1 1 ? -10.415 8.719   -2.559  1.00 23.52 ? 1  DG  A N3    1 
ATOM   19  C C4    . DG  A 1 1 ? -10.747 7.509   -3.048  1.00 22.46 ? 1  DG  A C4    1 
HETATM 20  N N1    . 5CM A 1 2 ? -6.773  7.850   -2.566  1.00 24.15 ? 2  5CM A N1    1 
HETATM 21  C C2    . 5CM A 1 2 ? -6.820  7.535   -1.221  1.00 24.05 ? 2  5CM A C2    1 
HETATM 22  N N3    . 5CM A 1 2 ? -7.188  6.301   -0.827  1.00 21.42 ? 2  5CM A N3    1 
HETATM 23  C C4    . 5CM A 1 2 ? -7.484  5.385   -1.729  1.00 19.72 ? 2  5CM A C4    1 
HETATM 24  C C5    . 5CM A 1 2 ? -7.441  5.672   -3.134  1.00 21.91 ? 2  5CM A C5    1 
HETATM 25  C C5A   . 5CM A 1 2 ? -7.779  4.600   -4.120  1.00 23.27 ? 2  5CM A C5A   1 
HETATM 26  C C6    . 5CM A 1 2 ? -7.088  6.909   -3.502  1.00 21.00 ? 2  5CM A C6    1 
HETATM 27  O O2    . 5CM A 1 2 ? -6.515  8.409   -0.403  1.00 27.23 ? 2  5CM A O2    1 
HETATM 28  N N4    . 5CM A 1 2 ? -7.814  4.181   -1.263  1.00 20.31 ? 2  5CM A N4    1 
HETATM 29  C "C1'" . 5CM A 1 2 ? -6.386  9.230   -2.920  1.00 27.47 ? 2  5CM A "C1'" 1 
HETATM 30  C "C2'" . 5CM A 1 2 ? -4.885  9.431   -2.998  1.00 29.74 ? 2  5CM A "C2'" 1 
HETATM 31  C "C3'" . 5CM A 1 2 ? -4.618  9.130   -4.459  1.00 32.33 ? 2  5CM A "C3'" 1 
HETATM 32  C "C4'" . 5CM A 1 2 ? -5.810  9.829   -5.096  1.00 30.08 ? 2  5CM A "C4'" 1 
HETATM 33  O "O4'" . 5CM A 1 2 ? -6.910  9.544   -4.209  1.00 30.03 ? 2  5CM A "O4'" 1 
HETATM 34  O "O3'" . 5CM A 1 2 ? -3.378  9.736   -4.852  1.00 40.04 ? 2  5CM A "O3'" 1 
HETATM 35  C "C5'" . 5CM A 1 2 ? -6.160  9.378   -6.495  1.00 29.61 ? 2  5CM A "C5'" 1 
HETATM 36  O "O5'" . 5CM A 1 2 ? -6.249  7.958   -6.532  1.00 28.27 ? 2  5CM A "O5'" 1 
HETATM 37  P P     . 5CM A 1 2 ? -6.824  7.225   -7.812  1.00 29.66 ? 2  5CM A P     1 
HETATM 38  O OP1   . 5CM A 1 2 ? -6.103  7.788   -8.960  1.00 35.87 ? 2  5CM A OP1   1 
HETATM 39  O OP2   . 5CM A 1 2 ? -6.832  5.760   -7.595  1.00 30.14 ? 2  5CM A OP2   1 
ATOM   40  P P     . DG  A 1 3 ? -1.982  8.944   -4.644  1.00 41.58 ? 3  DG  A P     1 
ATOM   41  O OP1   . DG  A 1 3 ? -0.962  9.920   -5.097  1.00 45.67 ? 3  DG  A OP1   1 
ATOM   42  O OP2   . DG  A 1 3 ? -2.026  7.581   -5.252  1.00 43.00 ? 3  DG  A OP2   1 
ATOM   43  O "O5'" . DG  A 1 3 ? -1.830  8.750   -3.070  1.00 37.81 ? 3  DG  A "O5'" 1 
ATOM   44  C "C5'" . DG  A 1 3 ? -0.922  9.559   -2.332  1.00 34.24 ? 3  DG  A "C5'" 1 
ATOM   45  C "C4'" . DG  A 1 3 ? -1.152  9.383   -0.850  1.00 32.34 ? 3  DG  A "C4'" 1 
ATOM   46  O "O4'" . DG  A 1 3 ? -2.502  8.981   -0.579  1.00 29.72 ? 3  DG  A "O4'" 1 
ATOM   47  C "C3'" . DG  A 1 3 ? -0.309  8.299   -0.217  1.00 32.90 ? 3  DG  A "C3'" 1 
ATOM   48  O "O3'" . DG  A 1 3 ? 0.993   8.778   0.084   1.00 34.92 ? 3  DG  A "O3'" 1 
ATOM   49  C "C2'" . DG  A 1 3 ? -1.067  8.089   1.074   1.00 31.06 ? 3  DG  A "C2'" 1 
ATOM   50  C "C1'" . DG  A 1 3 ? -2.499  8.157   0.582   1.00 28.34 ? 3  DG  A "C1'" 1 
ATOM   51  N N9    . DG  A 1 3 ? -3.013  6.848   0.211   1.00 24.82 ? 3  DG  A N9    1 
ATOM   52  C C8    . DG  A 1 3 ? -3.286  6.360   -1.039  1.00 21.70 ? 3  DG  A C8    1 
ATOM   53  N N7    . DG  A 1 3 ? -3.819  5.173   -1.010  1.00 23.35 ? 3  DG  A N7    1 
ATOM   54  C C5    . DG  A 1 3 ? -3.880  4.859   0.341   1.00 20.75 ? 3  DG  A C5    1 
ATOM   55  C C6    . DG  A 1 3 ? -4.289  3.680   0.981   1.00 19.61 ? 3  DG  A C6    1 
ATOM   56  O O6    . DG  A 1 3 ? -4.816  2.673   0.475   1.00 21.96 ? 3  DG  A O6    1 
ATOM   57  N N1    . DG  A 1 3 ? -4.046  3.736   2.348   1.00 18.10 ? 3  DG  A N1    1 
ATOM   58  C C2    . DG  A 1 3 ? -3.501  4.801   3.013   1.00 19.16 ? 3  DG  A C2    1 
ATOM   59  N N2    . DG  A 1 3 ? -3.332  4.675   4.327   1.00 19.72 ? 3  DG  A N2    1 
ATOM   60  N N3    . DG  A 1 3 ? -3.140  5.914   2.426   1.00 20.83 ? 3  DG  A N3    1 
ATOM   61  C C4    . DG  A 1 3 ? -3.359  5.872   1.099   1.00 21.64 ? 3  DG  A C4    1 
HETATM 62  N N1    . 5CM A 1 4 ? 0.007   3.850   2.898   1.00 24.09 ? 4  5CM A N1    1 
HETATM 63  C C2    . 5CM A 1 4 ? -0.595  2.631   3.142   1.00 21.51 ? 4  5CM A C2    1 
HETATM 64  N N3    . 5CM A 1 4 ? -1.152  1.940   2.122   1.00 22.21 ? 4  5CM A N3    1 
HETATM 65  C C4    . 5CM A 1 4 ? -1.121  2.423   0.888   1.00 19.01 ? 4  5CM A C4    1 
HETATM 66  C C5    . 5CM A 1 4 ? -0.486  3.674   0.590   1.00 21.67 ? 4  5CM A C5    1 
HETATM 67  C C5A   . 5CM A 1 4 ? -0.453  4.179   -0.817  1.00 20.83 ? 4  5CM A C5A   1 
HETATM 68  C C6    . 5CM A 1 4 ? 0.060   4.348   1.622   1.00 22.82 ? 4  5CM A C6    1 
HETATM 69  O O2    . 5CM A 1 4 ? -0.603  2.198   4.303   1.00 23.46 ? 4  5CM A O2    1 
HETATM 70  N N4    . 5CM A 1 4 ? -1.714  1.683   -0.052  1.00 16.55 ? 4  5CM A N4    1 
HETATM 71  C "C1'" . 5CM A 1 4 ? 0.565   4.560   4.065   1.00 27.18 ? 4  5CM A "C1'" 1 
HETATM 72  C "C2'" . 5CM A 1 4 ? 2.012   4.218   4.357   1.00 26.96 ? 4  5CM A "C2'" 1 
HETATM 73  C "C3'" . 5CM A 1 4 ? 2.742   5.285   3.569   1.00 28.51 ? 4  5CM A "C3'" 1 
HETATM 74  C "C4'" . 5CM A 1 4 ? 1.849   6.494   3.788   1.00 29.93 ? 4  5CM A "C4'" 1 
HETATM 75  O "O4'" . 5CM A 1 4 ? 0.509   5.962   3.818   1.00 29.65 ? 4  5CM A "O4'" 1 
HETATM 76  O "O3'" . 5CM A 1 4 ? 4.008   5.527   4.178   1.00 31.04 ? 4  5CM A "O3'" 1 
HETATM 77  C "C5'" . 5CM A 1 4 ? 1.996   7.532   2.696   1.00 30.74 ? 4  5CM A "C5'" 1 
HETATM 78  O "O5'" . 5CM A 1 4 ? 2.046   6.894   1.402   1.00 32.13 ? 4  5CM A "O5'" 1 
HETATM 79  P P     . 5CM A 1 4 ? 2.221   7.749   0.071   1.00 33.37 ? 4  5CM A P     1 
HETATM 80  O OP1   . 5CM A 1 4 ? 3.403   8.627   0.275   1.00 41.39 ? 4  5CM A OP1   1 
HETATM 81  O OP2   . 5CM A 1 4 ? 2.145   6.876   -1.136  1.00 32.87 ? 4  5CM A OP2   1 
ATOM   82  P P     . DG  A 1 5 ? 5.205   4.490   3.922   1.00 31.79 ? 5  DG  A P     1 
ATOM   83  O OP1   . DG  A 1 5 ? 6.431   5.168   4.445   1.00 37.22 ? 5  DG  A OP1   1 
ATOM   84  O OP2   . DG  A 1 5 ? 5.148   4.015   2.515   1.00 33.49 ? 5  DG  A OP2   1 
ATOM   85  O "O5'" . DG  A 1 5 ? 4.851   3.279   4.890   1.00 29.80 ? 5  DG  A "O5'" 1 
ATOM   86  C "C5'" . DG  A 1 5 ? 5.136   1.934   4.528   1.00 25.87 ? 5  DG  A "C5'" 1 
ATOM   87  C "C4'" . DG  A 1 5 ? 4.372   1.006   5.438   1.00 26.32 ? 5  DG  A "C4'" 1 
ATOM   88  O "O4'" . DG  A 1 5 ? 2.981   1.201   5.112   1.00 25.36 ? 5  DG  A "O4'" 1 
ATOM   89  C "C3'" . DG  A 1 5 ? 4.644   -0.470  5.163   1.00 28.08 ? 5  DG  A "C3'" 1 
ATOM   90  O "O3'" . DG  A 1 5 ? 5.702   -0.943  6.010   1.00 28.92 ? 5  DG  A "O3'" 1 
ATOM   91  C "C2'" . DG  A 1 5 ? 3.324   -1.098  5.560   1.00 24.15 ? 5  DG  A "C2'" 1 
ATOM   92  C "C1'" . DG  A 1 5 ? 2.332   -0.064  5.050   1.00 22.31 ? 5  DG  A "C1'" 1 
ATOM   93  N N9    . DG  A 1 5 ? 1.888   -0.290  3.679   1.00 20.55 ? 5  DG  A N9    1 
ATOM   94  C C8    . DG  A 1 5 ? 2.125   0.466   2.550   1.00 16.91 ? 5  DG  A C8    1 
ATOM   95  N N7    . DG  A 1 5 ? 1.546   -0.026  1.483   1.00 18.01 ? 5  DG  A N7    1 
ATOM   96  C C5    . DG  A 1 5 ? 0.884   -1.170  1.933   1.00 17.54 ? 5  DG  A C5    1 
ATOM   97  C C6    . DG  A 1 5 ? 0.074   -2.124  1.248   1.00 16.65 ? 5  DG  A C6    1 
ATOM   98  O O6    . DG  A 1 5 ? -0.275  -2.145  0.065   1.00 17.96 ? 5  DG  A O6    1 
ATOM   99  N N1    . DG  A 1 5 ? -0.352  -3.136  2.101   1.00 15.99 ? 5  DG  A N1    1 
ATOM   100 C C2    . DG  A 1 5 ? -0.074  -3.225  3.438   1.00 16.85 ? 5  DG  A C2    1 
ATOM   101 N N2    . DG  A 1 5 ? -0.579  -4.272  4.095   1.00 17.16 ? 5  DG  A N2    1 
ATOM   102 N N3    . DG  A 1 5 ? 0.655   -2.347  4.094   1.00 18.04 ? 5  DG  A N3    1 
ATOM   103 C C4    . DG  A 1 5 ? 1.099   -1.351  3.285   1.00 19.82 ? 5  DG  A C4    1 
ATOM   104 P P     . DC  A 1 6 ? 6.781   -1.976  5.436   1.00 26.00 ? 6  DC  A P     1 
ATOM   105 O OP1   . DC  A 1 6 ? 7.843   -2.012  6.451   1.00 33.18 ? 6  DC  A OP1   1 
ATOM   106 O OP2   . DC  A 1 6 ? 7.109   -1.670  4.021   1.00 25.85 ? 6  DC  A OP2   1 
ATOM   107 O "O5'" . DC  A 1 6 ? 6.049   -3.380  5.518   1.00 25.28 ? 6  DC  A "O5'" 1 
ATOM   108 C "C5'" . DC  A 1 6 ? 5.493   -3.806  6.749   1.00 23.03 ? 6  DC  A "C5'" 1 
ATOM   109 C "C4'" . DC  A 1 6 ? 4.635   -5.022  6.514   1.00 24.08 ? 6  DC  A "C4'" 1 
ATOM   110 O "O4'" . DC  A 1 6 ? 3.413   -4.611  5.882   1.00 24.99 ? 6  DC  A "O4'" 1 
ATOM   111 C "C3'" . DC  A 1 6 ? 5.230   -6.027  5.545   1.00 27.51 ? 6  DC  A "C3'" 1 
ATOM   112 O "O3'" . DC  A 1 6 ? 6.133   -6.921  6.197   1.00 32.21 ? 6  DC  A "O3'" 1 
ATOM   113 C "C2'" . DC  A 1 6 ? 3.987   -6.780  5.130   1.00 23.66 ? 6  DC  A "C2'" 1 
ATOM   114 C "C1'" . DC  A 1 6 ? 3.002   -5.636  4.987   1.00 21.18 ? 6  DC  A "C1'" 1 
ATOM   115 N N1    . DC  A 1 6 ? 3.030   -5.093  3.643   1.00 21.05 ? 6  DC  A N1    1 
ATOM   116 C C2    . DC  A 1 6 ? 2.293   -5.750  2.690   1.00 20.53 ? 6  DC  A C2    1 
ATOM   117 O O2    . DC  A 1 6 ? 1.717   -6.802  3.022   1.00 23.22 ? 6  DC  A O2    1 
ATOM   118 N N3    . DC  A 1 6 ? 2.224   -5.247  1.436   1.00 18.85 ? 6  DC  A N3    1 
ATOM   119 C C4    . DC  A 1 6 ? 2.883   -4.134  1.135   1.00 16.87 ? 6  DC  A C4    1 
ATOM   120 N N4    . DC  A 1 6 ? 2.749   -3.661  -0.097  1.00 16.79 ? 6  DC  A N4    1 
ATOM   121 C C5    . DC  A 1 6 ? 3.694   -3.454  2.091   1.00 17.00 ? 6  DC  A C5    1 
ATOM   122 C C6    . DC  A 1 6 ? 3.739   -3.969  3.329   1.00 20.38 ? 6  DC  A C6    1 
ATOM   123 P P     . DG  A 1 7 ? 7.303   -7.622  5.342   1.00 31.84 ? 7  DG  A P     1 
ATOM   124 O OP1   . DG  A 1 7 ? 8.191   -8.194  6.365   1.00 35.65 ? 7  DG  A OP1   1 
ATOM   125 O OP2   . DG  A 1 7 ? 7.864   -6.673  4.326   1.00 33.86 ? 7  DG  A OP2   1 
ATOM   126 O "O5'" . DG  A 1 7 ? 6.558   -8.781  4.534   1.00 31.27 ? 7  DG  A "O5'" 1 
ATOM   127 C "C5'" . DG  A 1 7 ? 5.915   -9.877  5.198   1.00 26.86 ? 7  DG  A "C5'" 1 
ATOM   128 C "C4'" . DG  A 1 7 ? 5.063   -10.632 4.205   1.00 24.10 ? 7  DG  A "C4'" 1 
ATOM   129 O "O4'" . DG  A 1 7 ? 4.114   -9.752  3.584   1.00 22.90 ? 7  DG  A "O4'" 1 
ATOM   130 C "C3'" . DG  A 1 7 ? 5.828   -11.231 3.044   1.00 26.02 ? 7  DG  A "C3'" 1 
ATOM   131 O "O3'" . DG  A 1 7 ? 6.395   -12.472 3.446   1.00 31.05 ? 7  DG  A "O3'" 1 
ATOM   132 C "C2'" . DG  A 1 7 ? 4.717   -11.436 2.035   1.00 21.23 ? 7  DG  A "C2'" 1 
ATOM   133 C "C1'" . DG  A 1 7 ? 3.865   -10.204 2.259   1.00 18.44 ? 7  DG  A "C1'" 1 
ATOM   134 N N9    . DG  A 1 7 ? 4.194   -9.108  1.365   1.00 19.73 ? 7  DG  A N9    1 
ATOM   135 C C8    . DG  A 1 7 ? 4.830   -7.933  1.679   1.00 17.74 ? 7  DG  A C8    1 
ATOM   136 N N7    . DG  A 1 7 ? 4.912   -7.120  0.662   1.00 18.22 ? 7  DG  A N7    1 
ATOM   137 C C5    . DG  A 1 7 ? 4.300   -7.807  -0.383  1.00 19.30 ? 7  DG  A C5    1 
ATOM   138 C C6    . DG  A 1 7 ? 3.971   -7.401  -1.719  1.00 20.24 ? 7  DG  A C6    1 
ATOM   139 O O6    . DG  A 1 7 ? 4.212   -6.330  -2.304  1.00 24.13 ? 7  DG  A O6    1 
ATOM   140 N N1    . DG  A 1 7 ? 3.278   -8.395  -2.391  1.00 20.93 ? 7  DG  A N1    1 
ATOM   141 C C2    . DG  A 1 7 ? 2.919   -9.601  -1.868  1.00 19.10 ? 7  DG  A C2    1 
ATOM   142 N N2    . DG  A 1 7 ? 2.240   -10.412 -2.670  1.00 19.32 ? 7  DG  A N2    1 
ATOM   143 N N3    . DG  A 1 7 ? 3.200   -9.985  -0.648  1.00 21.68 ? 7  DG  A N3    1 
ATOM   144 C C4    . DG  A 1 7 ? 3.880   -9.046  0.035   1.00 18.59 ? 7  DG  A C4    1 
ATOM   145 P P     . DC  A 1 8 ? 7.644   -13.057 2.639   1.00 30.98 ? 8  DC  A P     1 
ATOM   146 O OP1   . DC  A 1 8 ? 8.046   -14.207 3.478   1.00 37.67 ? 8  DC  A OP1   1 
ATOM   147 O OP2   . DC  A 1 8 ? 8.589   -11.961 2.364   1.00 38.92 ? 8  DC  A OP2   1 
ATOM   148 O "O5'" . DC  A 1 8 ? 7.084   -13.529 1.232   1.00 31.72 ? 8  DC  A "O5'" 1 
ATOM   149 C "C5'" . DC  A 1 8 ? 5.902   -14.344 1.137   1.00 37.15 ? 8  DC  A "C5'" 1 
ATOM   150 C "C4'" . DC  A 1 8 ? 5.610   -14.634 -0.315  1.00 39.49 ? 8  DC  A "C4'" 1 
ATOM   151 O "O4'" . DC  A 1 8 ? 5.237   -13.370 -0.905  1.00 40.73 ? 8  DC  A "O4'" 1 
ATOM   152 C "C3'" . DC  A 1 8 ? 6.908   -15.067 -1.001  1.00 42.94 ? 8  DC  A "C3'" 1 
ATOM   153 O "O3'" . DC  A 1 8 ? 6.872   -16.432 -1.455  1.00 50.48 ? 8  DC  A "O3'" 1 
ATOM   154 C "C2'" . DC  A 1 8 ? 7.110   -14.086 -2.143  1.00 40.51 ? 8  DC  A "C2'" 1 
ATOM   155 C "C1'" . DC  A 1 8 ? 5.898   -13.175 -2.141  1.00 35.75 ? 8  DC  A "C1'" 1 
ATOM   156 N N1    . DC  A 1 8 ? 6.244   -11.746 -2.258  1.00 30.66 ? 8  DC  A N1    1 
ATOM   157 C C2    . DC  A 1 8 ? 5.940   -11.096 -3.463  1.00 25.70 ? 8  DC  A C2    1 
ATOM   158 O O2    . DC  A 1 8 ? 5.400   -11.741 -4.366  1.00 25.57 ? 8  DC  A O2    1 
ATOM   159 N N3    . DC  A 1 8 ? 6.240   -9.792  -3.613  1.00 21.45 ? 8  DC  A N3    1 
ATOM   160 C C4    . DC  A 1 8 ? 6.827   -9.130  -2.621  1.00 19.80 ? 8  DC  A C4    1 
ATOM   161 N N4    . DC  A 1 8 ? 7.086   -7.852  -2.840  1.00 17.36 ? 8  DC  A N4    1 
ATOM   162 C C5    . DC  A 1 8 ? 7.164   -9.759  -1.373  1.00 22.56 ? 8  DC  A C5    1 
ATOM   163 C C6    . DC  A 1 8 ? 6.851   -11.062 -1.235  1.00 25.92 ? 8  DC  A C6    1 
HETATM 164 O O     . HOH B 2 . ? -10.849 2.611   0.140   1.00 40.80 ? 9  HOH A O     1 
HETATM 165 O O     . HOH B 2 . ? -10.172 6.866   -12.183 1.00 51.95 ? 10 HOH A O     1 
HETATM 166 O O     . HOH B 2 . ? 1.958   1.195   -0.889  1.00 59.24 ? 11 HOH A O     1 
HETATM 167 O O     . HOH B 2 . ? 0.559   -2.665  6.878   1.00 23.44 ? 12 HOH A O     1 
HETATM 168 O O     . HOH B 2 . ? 8.799   -6.831  -0.678  1.00 39.89 ? 13 HOH A O     1 
HETATM 169 O O     . HOH B 2 . ? 6.624   -4.839  0.745   1.00 40.42 ? 14 HOH A O     1 
HETATM 170 O O     . HOH B 2 . ? -11.698 2.411   -2.768  1.00 39.49 ? 15 HOH A O     1 
HETATM 171 O O     . HOH B 2 . ? -8.294  3.564   -7.806  1.00 42.39 ? 16 HOH A O     1 
HETATM 172 O O     . HOH B 2 . ? 9.355   -9.090  1.198   1.00 41.82 ? 17 HOH A O     1 
HETATM 173 O O     . HOH B 2 . ? -4.117  5.174   -5.567  1.00 48.65 ? 18 HOH A O     1 
HETATM 174 O O     . HOH B 2 . ? -3.937  3.676   -3.085  1.00 41.31 ? 19 HOH A O     1 
HETATM 175 O O     . HOH B 2 . ? -5.369  1.652   -1.776  1.00 39.94 ? 20 HOH A O     1 
HETATM 176 O O     . HOH B 2 . ? 7.851   -4.618  3.121   1.00 43.34 ? 21 HOH A O     1 
HETATM 177 O O     . HOH B 2 . ? 8.283   -12.449 -5.532  1.00 45.83 ? 22 HOH A O     1 
HETATM 178 O O     . HOH B 2 . ? 2.229   12.016  -2.624  1.00 71.38 ? 23 HOH A O     1 
HETATM 179 O O     . HOH B 2 . ? -7.637  7.167   -11.368 1.00 44.74 ? 24 HOH A O     1 
HETATM 180 O O     . HOH B 2 . ? 5.365   -3.192  -1.392  1.00 66.54 ? 25 HOH A O     1 
HETATM 181 O O     . HOH B 2 . ? 3.488   -14.057 -5.612  1.00 69.61 ? 26 HOH A O     1 
HETATM 182 O O     . HOH B 2 . ? 0.029   -0.776  -2.337  1.00 68.64 ? 27 HOH A O     1 
# 
